data_2R5M
#
_entry.id   2R5M
#
_cell.length_a   82.710
_cell.length_b   82.710
_cell.length_c   76.230
_cell.angle_alpha   90.00
_cell.angle_beta   90.00
_cell.angle_gamma   90.00
#
_symmetry.space_group_name_H-M   'P 43 21 2'
#
loop_
_entity.id
_entity.type
_entity.pdbx_description
1 polymer 'Polycomb protein Scm'
2 polymer 'peptide R(me)KS'
3 water water
#
loop_
_entity_poly.entity_id
_entity_poly.type
_entity_poly.pdbx_seq_one_letter_code
_entity_poly.pdbx_strand_id
1 'polypeptide(L)'
;GAMAFDWDAYLEETGSEAAPAKCFKQAQNPPNNDFKIGMKLEALDPRNVTSTCIATVVGVLGSRLRLRLDGSDSQNDFWR
LVDSTEIHAIGHCEKNGGMLQPPLGFCMNASSWPGYLCKILNNAMVAPEEIFQPEPPEPEENLFKVGQKLEAVDKKNPQL
ICCATVDAIKDDQIHVTFDGWRGAFDYWCNYRSRDIFPAGWCARSCHPMQPPGHKSRMDSSSSKQRCPRPRYTVVAESEA
MVPASPATAHFHPNCKGGPFINNSK
;
A
2 'polypeptide(L)' R(MLZ)S L
#
# COMPACT_ATOMS: atom_id res chain seq x y z
N ALA A 4 17.75 -4.61 10.26
CA ALA A 4 17.51 -5.59 9.19
C ALA A 4 17.17 -6.97 9.76
N PHE A 5 15.93 -7.46 9.54
CA PHE A 5 15.41 -8.69 10.17
C PHE A 5 16.03 -9.99 9.63
N ASP A 6 16.54 -10.79 10.56
CA ASP A 6 17.19 -12.03 10.18
C ASP A 6 16.15 -13.11 9.87
N TRP A 7 15.58 -13.03 8.67
CA TRP A 7 14.63 -14.02 8.23
C TRP A 7 15.19 -15.48 8.22
N ASP A 8 16.42 -15.64 7.74
CA ASP A 8 17.04 -16.96 7.60
C ASP A 8 17.20 -17.69 8.95
N ALA A 9 17.66 -16.95 9.98
CA ALA A 9 17.60 -17.41 11.37
C ALA A 9 16.16 -17.75 11.85
N TYR A 10 15.20 -16.86 11.60
CA TYR A 10 13.80 -17.05 12.02
C TYR A 10 13.12 -18.28 11.39
N LEU A 11 13.23 -18.40 10.05
CA LEU A 11 12.75 -19.60 9.30
C LEU A 11 13.29 -20.93 9.80
N GLU A 12 14.54 -20.89 10.26
CA GLU A 12 15.17 -22.08 10.67
C GLU A 12 14.73 -22.40 12.09
N GLU A 13 14.40 -21.39 12.90
CA GLU A 13 14.09 -21.70 14.30
C GLU A 13 12.62 -22.01 14.50
N THR A 14 11.81 -21.49 13.59
CA THR A 14 10.38 -21.84 13.61
C THR A 14 10.04 -23.07 12.74
N GLY A 15 11.06 -23.66 12.10
CA GLY A 15 10.89 -24.73 11.09
C GLY A 15 10.00 -24.36 9.92
N SER A 16 10.22 -23.18 9.34
CA SER A 16 9.31 -22.70 8.32
C SER A 16 9.90 -22.44 6.96
N GLU A 17 9.00 -22.39 5.98
CA GLU A 17 9.37 -21.92 4.68
C GLU A 17 8.82 -20.52 4.53
N ALA A 18 9.59 -19.67 3.87
CA ALA A 18 9.06 -18.42 3.34
C ALA A 18 8.22 -18.74 2.12
N ALA A 19 7.15 -17.98 1.87
CA ALA A 19 6.46 -18.10 0.57
C ALA A 19 7.39 -17.59 -0.54
N PRO A 20 7.57 -18.39 -1.60
CA PRO A 20 8.25 -18.04 -2.84
C PRO A 20 7.75 -16.72 -3.42
N ALA A 21 8.67 -15.93 -3.99
CA ALA A 21 8.35 -14.71 -4.75
C ALA A 21 7.26 -14.84 -5.88
N LYS A 22 7.23 -15.94 -6.62
CA LYS A 22 6.21 -16.15 -7.66
C LYS A 22 4.77 -16.13 -7.15
N CYS A 23 4.56 -16.35 -5.84
CA CYS A 23 3.23 -16.22 -5.19
C CYS A 23 2.62 -14.80 -5.22
N PHE A 24 3.47 -13.78 -5.08
CA PHE A 24 3.07 -12.38 -4.88
C PHE A 24 2.95 -11.56 -6.12
N LYS A 25 1.97 -10.68 -6.16
CA LYS A 25 1.97 -9.60 -7.17
C LYS A 25 2.85 -8.42 -6.67
N GLN A 26 4.16 -8.61 -6.79
CA GLN A 26 5.11 -7.57 -6.44
C GLN A 26 6.23 -7.76 -7.45
N ALA A 27 6.92 -6.68 -7.77
CA ALA A 27 8.07 -6.70 -8.67
C ALA A 27 9.20 -7.52 -8.07
N GLN A 28 9.93 -8.27 -8.90
CA GLN A 28 11.08 -9.05 -8.42
C GLN A 28 12.04 -8.17 -7.59
N ASN A 29 12.23 -6.93 -8.03
CA ASN A 29 12.97 -5.89 -7.27
C ASN A 29 12.08 -4.72 -6.87
N PRO A 30 12.30 -4.21 -5.64
CA PRO A 30 11.44 -3.10 -5.20
C PRO A 30 11.59 -1.95 -6.21
N PRO A 31 10.49 -1.29 -6.57
CA PRO A 31 10.55 -0.17 -7.54
C PRO A 31 11.18 1.07 -6.91
N ASN A 32 11.96 1.86 -7.67
CA ASN A 32 12.54 3.05 -7.07
C ASN A 32 11.48 4.08 -6.75
N ASN A 33 11.66 4.73 -5.63
CA ASN A 33 10.71 5.74 -5.22
C ASN A 33 11.32 7.11 -5.47
N ASP A 34 10.88 7.77 -6.54
CA ASP A 34 11.36 9.10 -6.79
C ASP A 34 10.42 10.20 -6.38
N PHE A 35 9.33 9.86 -5.74
CA PHE A 35 8.38 10.87 -5.37
C PHE A 35 8.97 11.80 -4.29
N LYS A 36 8.47 13.03 -4.19
CA LYS A 36 8.87 13.89 -3.08
C LYS A 36 7.67 14.48 -2.37
N ILE A 37 7.85 14.76 -1.08
CA ILE A 37 6.77 15.16 -0.21
C ILE A 37 6.22 16.45 -0.77
N GLY A 38 4.91 16.59 -0.85
CA GLY A 38 4.35 17.80 -1.43
C GLY A 38 3.87 17.60 -2.86
N MET A 39 4.35 16.56 -3.53
CA MET A 39 3.88 16.29 -4.88
C MET A 39 2.43 15.92 -4.89
N LYS A 40 1.70 16.47 -5.87
CA LYS A 40 0.28 16.07 -6.04
C LYS A 40 0.12 15.05 -7.14
N LEU A 41 -0.95 14.29 -7.02
CA LEU A 41 -1.27 13.15 -7.89
C LEU A 41 -2.76 12.79 -7.68
N GLU A 42 -3.21 11.77 -8.40
CA GLU A 42 -4.57 11.39 -8.38
C GLU A 42 -4.64 10.01 -7.79
N ALA A 43 -5.56 9.82 -6.85
CA ALA A 43 -5.74 8.55 -6.20
C ALA A 43 -7.23 8.27 -5.96
N LEU A 44 -7.56 6.98 -5.92
CA LEU A 44 -8.87 6.49 -5.46
C LEU A 44 -9.09 6.76 -3.97
N ASP A 45 -10.22 7.35 -3.60
CA ASP A 45 -10.50 7.75 -2.24
C ASP A 45 -10.75 6.46 -1.51
N PRO A 46 -9.90 6.15 -0.52
CA PRO A 46 -10.19 4.86 0.10
C PRO A 46 -11.57 4.82 0.70
N ARG A 47 -12.11 5.93 1.20
CA ARG A 47 -13.46 5.94 1.77
C ARG A 47 -14.58 6.02 0.72
N ASN A 48 -14.21 6.10 -0.56
CA ASN A 48 -15.15 5.87 -1.65
C ASN A 48 -14.46 5.57 -2.96
N VAL A 49 -14.30 4.31 -3.24
CA VAL A 49 -13.33 3.88 -4.21
C VAL A 49 -13.83 4.16 -5.63
N THR A 50 -15.06 4.67 -5.77
CA THR A 50 -15.54 5.02 -7.06
C THR A 50 -15.02 6.43 -7.38
N SER A 51 -14.69 7.25 -6.37
CA SER A 51 -14.09 8.58 -6.61
C SER A 51 -12.58 8.58 -6.76
N THR A 52 -12.14 9.36 -7.75
CA THR A 52 -10.73 9.78 -7.88
C THR A 52 -10.57 11.19 -7.40
N CYS A 53 -9.51 11.39 -6.63
CA CYS A 53 -9.30 12.66 -5.94
C CYS A 53 -7.85 13.07 -6.01
N ILE A 54 -7.58 14.35 -5.77
CA ILE A 54 -6.29 14.88 -5.70
C ILE A 54 -5.70 14.42 -4.38
N ALA A 55 -4.49 13.85 -4.41
CA ALA A 55 -3.80 13.51 -3.15
C ALA A 55 -2.38 14.08 -3.15
N THR A 56 -1.80 14.26 -1.96
CA THR A 56 -0.50 14.87 -1.82
C THR A 56 0.42 13.90 -1.08
N VAL A 57 1.63 13.71 -1.60
CA VAL A 57 2.56 12.85 -0.92
C VAL A 57 2.88 13.54 0.42
N VAL A 58 2.60 12.91 1.55
CA VAL A 58 2.97 13.50 2.83
C VAL A 58 4.09 12.72 3.56
N GLY A 59 4.52 11.62 2.97
CA GLY A 59 5.60 10.80 3.53
C GLY A 59 6.04 9.83 2.44
N VAL A 60 7.23 9.30 2.63
CA VAL A 60 7.77 8.37 1.68
C VAL A 60 8.50 7.39 2.55
N LEU A 61 8.42 6.10 2.25
CA LEU A 61 9.08 5.09 3.10
C LEU A 61 9.27 3.87 2.27
N GLY A 62 10.51 3.50 2.03
CA GLY A 62 10.81 2.48 1.02
C GLY A 62 10.12 2.80 -0.30
N SER A 63 9.40 1.84 -0.88
CA SER A 63 8.73 2.06 -2.20
C SER A 63 7.29 2.53 -2.00
N ARG A 64 7.01 3.05 -0.80
CA ARG A 64 5.64 3.47 -0.49
C ARG A 64 5.52 4.98 -0.33
N LEU A 65 4.34 5.50 -0.64
CA LEU A 65 3.97 6.86 -0.40
C LEU A 65 2.90 6.88 0.66
N ARG A 66 2.96 7.88 1.53
CA ARG A 66 1.86 8.08 2.43
C ARG A 66 1.08 9.21 1.76
N LEU A 67 -0.19 8.96 1.44
CA LEU A 67 -1.00 9.97 0.78
C LEU A 67 -2.04 10.59 1.70
N ARG A 68 -2.40 11.83 1.43
CA ARG A 68 -3.46 12.51 2.15
C ARG A 68 -4.30 13.24 1.10
N LEU A 69 -5.63 13.19 1.16
CA LEU A 69 -6.41 13.85 0.08
C LEU A 69 -6.58 15.37 0.36
N ASP A 70 -6.22 16.21 -0.60
CA ASP A 70 -6.44 17.63 -0.40
C ASP A 70 -7.87 17.99 0.02
N GLY A 71 -7.98 18.96 0.92
CA GLY A 71 -9.32 19.40 1.40
C GLY A 71 -10.00 18.46 2.36
N SER A 72 -9.29 17.46 2.87
CA SER A 72 -9.93 16.60 3.83
C SER A 72 -9.39 16.77 5.24
N ASP A 73 -8.72 15.76 5.79
CA ASP A 73 -8.28 15.80 7.20
C ASP A 73 -7.00 15.03 7.32
N SER A 74 -6.34 15.12 8.47
CA SER A 74 -5.01 14.53 8.61
C SER A 74 -5.09 13.19 9.31
N GLN A 75 -6.28 12.69 9.54
CA GLN A 75 -6.45 11.45 10.31
C GLN A 75 -6.76 10.18 9.48
N ASN A 76 -6.59 10.27 8.18
CA ASN A 76 -7.13 9.21 7.31
C ASN A 76 -6.16 8.99 6.19
N ASP A 77 -4.91 9.27 6.45
CA ASP A 77 -3.86 8.98 5.51
C ASP A 77 -3.83 7.51 5.08
N PHE A 78 -3.40 7.28 3.86
CA PHE A 78 -3.23 5.92 3.41
C PHE A 78 -1.92 5.71 2.60
N TRP A 79 -1.51 4.46 2.42
CA TRP A 79 -0.23 4.16 1.86
C TRP A 79 -0.42 3.39 0.59
N ARG A 80 0.32 3.77 -0.43
CA ARG A 80 0.25 3.08 -1.71
C ARG A 80 1.69 2.95 -2.25
N LEU A 81 1.99 1.81 -2.84
CA LEU A 81 3.31 1.63 -3.48
C LEU A 81 3.38 2.50 -4.71
N VAL A 82 4.59 2.83 -5.07
CA VAL A 82 4.80 3.67 -6.25
C VAL A 82 4.30 3.00 -7.54
N ASP A 83 4.06 1.68 -7.48
CA ASP A 83 3.60 0.92 -8.67
C ASP A 83 2.16 0.43 -8.51
N SER A 84 1.44 1.09 -7.61
CA SER A 84 0.02 0.84 -7.44
C SER A 84 -0.80 1.31 -8.64
N THR A 85 -1.78 0.55 -9.07
CA THR A 85 -2.68 1.01 -10.13
C THR A 85 -3.81 1.85 -9.60
N GLU A 86 -3.74 2.22 -8.34
CA GLU A 86 -4.75 3.17 -7.81
C GLU A 86 -4.31 4.62 -7.63
N ILE A 87 -3.09 4.95 -8.03
CA ILE A 87 -2.58 6.28 -8.02
C ILE A 87 -2.17 6.51 -9.45
N HIS A 88 -2.32 7.76 -9.94
CA HIS A 88 -1.82 8.18 -11.25
C HIS A 88 -1.38 9.65 -11.27
N ALA A 89 -0.67 10.02 -12.34
CA ALA A 89 -0.34 11.42 -12.54
C ALA A 89 -1.58 12.28 -12.80
N ILE A 90 -1.52 13.54 -12.40
CA ILE A 90 -2.64 14.42 -12.67
C ILE A 90 -2.94 14.66 -14.17
N GLY A 91 -4.23 14.67 -14.49
CA GLY A 91 -4.68 14.68 -15.88
C GLY A 91 -5.11 13.29 -16.30
N HIS A 92 -4.70 12.24 -15.57
CA HIS A 92 -5.06 10.87 -15.95
C HIS A 92 -6.58 10.60 -16.02
N CYS A 93 -7.26 10.99 -14.96
CA CYS A 93 -8.69 10.77 -14.82
C CYS A 93 -9.43 11.33 -15.99
N GLU A 94 -9.19 12.63 -16.23
CA GLU A 94 -9.76 13.40 -17.36
C GLU A 94 -9.42 12.84 -18.76
N LYS A 95 -8.15 12.58 -19.06
CA LYS A 95 -7.79 11.92 -20.30
C LYS A 95 -8.67 10.68 -20.54
N ASN A 96 -9.09 10.01 -19.46
CA ASN A 96 -9.92 8.79 -19.56
C ASN A 96 -11.47 8.94 -19.54
N GLY A 97 -11.95 10.17 -19.70
CA GLY A 97 -13.39 10.42 -19.72
C GLY A 97 -14.03 10.70 -18.35
N GLY A 98 -13.17 10.79 -17.31
CA GLY A 98 -13.58 11.04 -15.93
C GLY A 98 -13.49 12.44 -15.33
N MET A 99 -14.15 12.60 -14.19
CA MET A 99 -14.13 13.87 -13.43
C MET A 99 -13.51 13.65 -12.01
N LEU A 100 -12.59 14.51 -11.64
CA LEU A 100 -12.09 14.53 -10.28
C LEU A 100 -13.24 14.83 -9.31
N GLN A 101 -13.18 14.22 -8.13
CA GLN A 101 -14.26 14.35 -7.15
C GLN A 101 -13.69 14.86 -5.86
N PRO A 102 -14.52 15.53 -5.05
CA PRO A 102 -14.09 15.90 -3.71
C PRO A 102 -13.96 14.68 -2.85
N PRO A 103 -13.07 14.72 -1.87
CA PRO A 103 -12.89 13.55 -1.03
C PRO A 103 -14.14 13.33 -0.18
N LEU A 104 -14.34 12.14 0.34
CA LEU A 104 -15.48 11.94 1.18
C LEU A 104 -15.41 12.85 2.40
N GLY A 105 -14.21 13.09 2.91
CA GLY A 105 -14.09 13.93 4.12
C GLY A 105 -13.82 15.41 3.85
N PHE A 106 -14.32 15.88 2.71
CA PHE A 106 -14.05 17.24 2.26
C PHE A 106 -14.49 18.25 3.32
N CYS A 107 -13.62 19.15 3.72
CA CYS A 107 -13.90 20.06 4.84
C CYS A 107 -14.79 21.32 4.54
N MET A 108 -15.19 21.51 3.25
CA MET A 108 -16.06 22.64 2.82
C MET A 108 -17.38 22.06 2.32
N ASN A 109 -18.32 22.90 1.91
CA ASN A 109 -19.55 22.38 1.29
C ASN A 109 -19.40 22.07 -0.22
N ALA A 110 -20.23 21.19 -0.77
CA ALA A 110 -19.95 20.61 -2.10
C ALA A 110 -19.88 21.60 -3.27
N SER A 111 -20.80 22.56 -3.28
CA SER A 111 -20.79 23.62 -4.29
C SER A 111 -19.47 24.42 -4.29
N SER A 112 -18.73 24.33 -3.19
CA SER A 112 -17.39 24.95 -3.10
C SER A 112 -16.30 24.09 -3.73
N TRP A 113 -16.67 22.90 -4.22
CA TRP A 113 -15.67 22.03 -4.83
C TRP A 113 -14.99 22.52 -6.13
N PRO A 114 -15.76 22.92 -7.18
CA PRO A 114 -15.07 23.35 -8.44
C PRO A 114 -13.99 24.43 -8.21
N GLY A 115 -14.39 25.54 -7.57
CA GLY A 115 -13.44 26.58 -7.16
C GLY A 115 -12.24 26.05 -6.38
N TYR A 116 -12.48 25.12 -5.47
CA TYR A 116 -11.41 24.54 -4.70
C TYR A 116 -10.32 23.86 -5.55
N LEU A 117 -10.73 23.04 -6.50
CA LEU A 117 -9.75 22.31 -7.35
C LEU A 117 -8.79 23.28 -8.04
N CYS A 118 -9.33 24.38 -8.57
CA CYS A 118 -8.50 25.41 -9.17
C CYS A 118 -7.47 25.99 -8.26
N LYS A 119 -7.89 26.37 -7.07
CA LYS A 119 -6.96 26.98 -6.13
C LYS A 119 -5.80 25.99 -5.76
N ILE A 120 -6.12 24.72 -5.52
CA ILE A 120 -5.05 23.79 -5.11
C ILE A 120 -4.20 23.34 -6.29
N LEU A 121 -4.70 23.43 -7.51
CA LEU A 121 -3.91 22.96 -8.62
C LEU A 121 -2.97 24.05 -9.15
N ASN A 122 -3.24 25.32 -8.76
CA ASN A 122 -2.47 26.53 -9.12
C ASN A 122 -1.03 26.51 -8.60
N ASN A 123 -0.09 26.39 -9.54
CA ASN A 123 1.33 26.32 -9.25
C ASN A 123 1.70 25.20 -8.30
N ALA A 124 0.84 24.18 -8.23
CA ALA A 124 1.08 22.97 -7.46
C ALA A 124 2.28 22.15 -7.94
N MET A 125 3.00 21.59 -6.97
CA MET A 125 4.07 20.63 -7.20
C MET A 125 3.40 19.35 -7.67
N VAL A 126 3.70 18.89 -8.87
CA VAL A 126 2.98 17.69 -9.33
C VAL A 126 3.94 16.59 -9.69
N ALA A 127 3.61 15.34 -9.32
CA ALA A 127 4.46 14.24 -9.69
C ALA A 127 4.36 14.03 -11.18
N PRO A 128 5.51 14.01 -11.85
CA PRO A 128 5.59 13.79 -13.28
C PRO A 128 5.22 12.36 -13.54
N GLU A 129 4.74 12.06 -14.76
CA GLU A 129 4.20 10.74 -15.00
C GLU A 129 5.24 9.65 -14.98
N GLU A 130 6.47 10.01 -15.34
CA GLU A 130 7.55 9.04 -15.44
C GLU A 130 8.04 8.47 -14.11
N ILE A 131 7.64 9.05 -12.98
CA ILE A 131 8.13 8.46 -11.73
C ILE A 131 7.20 7.38 -11.20
N PHE A 132 6.05 7.23 -11.88
CA PHE A 132 5.02 6.26 -11.50
C PHE A 132 5.51 4.93 -12.08
N GLN A 133 5.62 3.88 -11.25
CA GLN A 133 6.21 2.61 -11.71
C GLN A 133 5.18 1.68 -12.34
N PRO A 134 5.61 0.83 -13.31
CA PRO A 134 4.67 -0.09 -13.94
C PRO A 134 4.12 -1.21 -13.01
N GLU A 135 2.86 -1.59 -13.25
CA GLU A 135 2.17 -2.64 -12.49
C GLU A 135 2.82 -4.06 -12.65
N PRO A 136 3.26 -4.68 -11.53
CA PRO A 136 3.95 -6.00 -11.59
C PRO A 136 3.09 -7.09 -12.20
N PRO A 137 3.72 -8.02 -12.95
CA PRO A 137 3.01 -9.19 -13.41
C PRO A 137 2.27 -9.83 -12.24
N GLU A 138 1.14 -10.46 -12.54
CA GLU A 138 0.46 -11.19 -11.50
C GLU A 138 0.54 -12.72 -11.66
N PRO A 139 0.59 -13.44 -10.52
CA PRO A 139 0.31 -14.89 -10.58
C PRO A 139 -1.12 -15.18 -11.10
N GLU A 140 -1.31 -16.30 -11.78
CA GLU A 140 -2.64 -16.64 -12.30
C GLU A 140 -3.45 -17.64 -11.48
N GLU A 141 -2.89 -18.03 -10.34
CA GLU A 141 -3.63 -18.73 -9.32
C GLU A 141 -2.96 -18.56 -7.97
N ASN A 142 -3.69 -18.93 -6.94
CA ASN A 142 -3.16 -18.91 -5.61
C ASN A 142 -2.04 -19.96 -5.38
N LEU A 143 -0.78 -19.56 -5.25
CA LEU A 143 0.33 -20.49 -5.08
C LEU A 143 0.77 -20.55 -3.61
N PHE A 144 0.14 -19.75 -2.76
CA PHE A 144 0.48 -19.85 -1.37
C PHE A 144 0.05 -21.18 -0.83
N LYS A 145 0.58 -21.51 0.33
CA LYS A 145 0.35 -22.78 0.98
C LYS A 145 0.33 -22.56 2.49
N VAL A 146 -0.54 -23.30 3.18
CA VAL A 146 -0.64 -23.14 4.61
C VAL A 146 0.71 -23.39 5.27
N GLY A 147 1.11 -22.46 6.12
CA GLY A 147 2.37 -22.58 6.83
C GLY A 147 3.36 -21.49 6.43
N GLN A 148 3.26 -20.97 5.21
CA GLN A 148 4.28 -20.08 4.64
C GLN A 148 4.35 -18.70 5.29
N LYS A 149 5.55 -18.15 5.32
CA LYS A 149 5.78 -16.91 6.00
C LYS A 149 6.00 -15.82 4.98
N LEU A 150 5.75 -14.57 5.40
CA LEU A 150 5.84 -13.47 4.46
C LEU A 150 5.82 -12.17 5.24
N GLU A 151 5.98 -11.06 4.49
CA GLU A 151 5.86 -9.69 5.06
C GLU A 151 4.54 -9.07 4.66
N ALA A 152 3.84 -8.46 5.61
CA ALA A 152 2.50 -7.99 5.35
C ALA A 152 2.23 -6.66 6.02
N VAL A 153 1.50 -5.78 5.35
CA VAL A 153 1.09 -4.55 5.99
C VAL A 153 0.08 -4.82 7.11
N ASP A 154 0.16 -4.12 8.23
CA ASP A 154 -0.81 -4.32 9.27
C ASP A 154 -1.90 -3.32 8.98
N LYS A 155 -3.04 -3.79 8.45
CA LYS A 155 -4.09 -2.89 7.98
C LYS A 155 -4.67 -1.97 9.03
N LYS A 156 -4.46 -2.27 10.31
CA LYS A 156 -4.89 -1.31 11.36
C LYS A 156 -3.91 -0.17 11.67
N ASN A 157 -2.61 -0.39 11.38
CA ASN A 157 -1.49 0.55 11.50
C ASN A 157 -0.62 0.41 10.24
N PRO A 158 -1.11 0.88 9.09
CA PRO A 158 -0.45 0.62 7.81
C PRO A 158 0.97 1.17 7.58
N GLN A 159 1.49 2.07 8.40
CA GLN A 159 2.88 2.47 8.29
C GLN A 159 3.81 1.23 8.53
N LEU A 160 3.24 0.21 9.18
CA LEU A 160 3.97 -0.96 9.61
C LEU A 160 3.79 -2.16 8.68
N ILE A 161 4.92 -2.81 8.38
CA ILE A 161 4.91 -4.05 7.63
C ILE A 161 5.63 -5.05 8.52
N CYS A 162 5.00 -6.21 8.66
CA CYS A 162 5.33 -7.13 9.74
C CYS A 162 5.45 -8.54 9.27
N CYS A 163 6.29 -9.26 9.98
CA CYS A 163 6.50 -10.66 9.84
C CYS A 163 5.12 -11.34 9.98
N ALA A 164 4.76 -12.22 9.05
CA ALA A 164 3.44 -12.86 9.11
C ALA A 164 3.48 -14.32 8.68
N THR A 165 2.34 -15.00 8.78
CA THR A 165 2.19 -16.39 8.32
C THR A 165 0.83 -16.58 7.66
N VAL A 166 0.79 -17.30 6.53
CA VAL A 166 -0.46 -17.86 6.00
C VAL A 166 -0.99 -19.05 6.84
N ASP A 167 -2.18 -18.78 7.37
CA ASP A 167 -2.90 -19.62 8.29
C ASP A 167 -3.82 -20.63 7.63
N ALA A 168 -4.39 -20.26 6.48
CA ALA A 168 -5.55 -20.94 5.92
C ALA A 168 -5.75 -20.45 4.48
N ILE A 169 -6.39 -21.25 3.63
CA ILE A 169 -6.67 -20.82 2.26
C ILE A 169 -8.04 -21.31 1.86
N LYS A 170 -8.83 -20.41 1.25
CA LYS A 170 -10.11 -20.74 0.56
C LYS A 170 -10.05 -20.11 -0.81
N ASP A 171 -9.73 -20.91 -1.82
CA ASP A 171 -9.65 -20.44 -3.22
C ASP A 171 -8.63 -19.30 -3.43
N ASP A 172 -9.15 -18.10 -3.75
CA ASP A 172 -8.29 -16.95 -4.06
C ASP A 172 -7.98 -16.06 -2.84
N GLN A 173 -8.47 -16.44 -1.67
CA GLN A 173 -8.24 -15.68 -0.47
C GLN A 173 -7.17 -16.35 0.41
N ILE A 174 -6.21 -15.60 0.93
CA ILE A 174 -5.35 -16.14 2.01
C ILE A 174 -5.60 -15.48 3.38
N HIS A 175 -5.35 -16.24 4.45
CA HIS A 175 -5.57 -15.70 5.78
C HIS A 175 -4.24 -15.41 6.37
N VAL A 176 -4.00 -14.13 6.60
CA VAL A 176 -2.75 -13.63 7.08
C VAL A 176 -2.74 -13.49 8.63
N THR A 177 -1.81 -14.16 9.34
CA THR A 177 -1.68 -13.97 10.78
C THR A 177 -0.36 -13.29 11.15
N PHE A 178 -0.33 -12.49 12.23
CA PHE A 178 0.92 -11.82 12.66
C PHE A 178 1.62 -12.53 13.84
N ASP A 179 2.82 -13.00 13.61
CA ASP A 179 3.46 -13.85 14.61
C ASP A 179 3.72 -13.04 15.84
N GLY A 180 3.33 -13.61 16.97
CA GLY A 180 3.51 -12.97 18.26
C GLY A 180 2.46 -11.94 18.63
N TRP A 181 1.53 -11.69 17.74
CA TRP A 181 0.39 -10.87 18.07
C TRP A 181 -0.88 -11.72 18.20
N ARG A 182 -1.77 -11.32 19.11
CA ARG A 182 -3.09 -11.96 19.23
C ARG A 182 -3.83 -11.83 17.84
N GLY A 183 -4.44 -12.91 17.37
CA GLY A 183 -5.12 -12.91 16.06
C GLY A 183 -6.01 -11.72 15.75
N ALA A 184 -5.93 -10.67 16.55
CA ALA A 184 -6.74 -9.47 16.34
C ALA A 184 -6.29 -8.62 15.13
N PHE A 185 -5.03 -8.80 14.67
CA PHE A 185 -4.56 -8.11 13.48
C PHE A 185 -4.66 -8.98 12.27
N ASP A 186 -5.20 -10.19 12.41
CA ASP A 186 -5.36 -11.07 11.26
C ASP A 186 -6.31 -10.51 10.22
N TYR A 187 -6.19 -10.99 8.98
CA TYR A 187 -7.15 -10.65 7.93
C TYR A 187 -7.07 -11.60 6.77
N TRP A 188 -8.16 -11.67 6.02
CA TRP A 188 -8.20 -12.39 4.78
C TRP A 188 -7.93 -11.38 3.69
N CYS A 189 -7.28 -11.83 2.65
CA CYS A 189 -7.03 -10.97 1.50
C CYS A 189 -6.85 -11.83 0.28
N ASN A 190 -7.05 -11.24 -0.88
CA ASN A 190 -6.87 -11.94 -2.13
C ASN A 190 -5.38 -12.19 -2.32
N TYR A 191 -5.01 -13.29 -2.98
CA TYR A 191 -3.56 -13.57 -3.19
C TYR A 191 -2.87 -12.47 -4.01
N ARG A 192 -3.65 -11.80 -4.84
CA ARG A 192 -3.17 -10.65 -5.59
C ARG A 192 -2.87 -9.37 -4.78
N SER A 193 -3.16 -9.35 -3.47
CA SER A 193 -3.08 -8.13 -2.70
C SER A 193 -1.73 -7.44 -2.81
N ARG A 194 -1.74 -6.11 -2.83
CA ARG A 194 -0.50 -5.38 -2.90
C ARG A 194 0.12 -5.15 -1.52
N ASP A 195 -0.56 -5.66 -0.50
CA ASP A 195 -0.19 -5.46 0.87
C ASP A 195 0.64 -6.61 1.45
N ILE A 196 1.01 -7.56 0.59
CA ILE A 196 1.85 -8.68 1.02
C ILE A 196 3.10 -8.79 0.18
N PHE A 197 4.18 -9.24 0.82
CA PHE A 197 5.51 -9.20 0.18
C PHE A 197 6.33 -10.43 0.59
N PRO A 198 7.27 -10.90 -0.28
CA PRO A 198 8.15 -12.03 0.07
C PRO A 198 9.07 -11.61 1.19
N ALA A 199 9.48 -12.55 2.03
CA ALA A 199 10.43 -12.23 3.12
C ALA A 199 11.70 -11.67 2.50
N GLY A 200 12.18 -10.52 3.00
CA GLY A 200 13.38 -9.86 2.50
C GLY A 200 13.08 -8.59 1.73
N TRP A 201 11.82 -8.44 1.33
CA TRP A 201 11.45 -7.32 0.51
C TRP A 201 11.70 -5.98 1.15
N CYS A 202 11.19 -5.82 2.36
CA CYS A 202 11.46 -4.62 3.13
C CYS A 202 12.95 -4.25 3.20
N ALA A 203 13.84 -5.19 3.52
CA ALA A 203 15.22 -4.82 3.64
C ALA A 203 15.76 -4.38 2.27
N ARG A 204 15.21 -4.97 1.21
CA ARG A 204 15.67 -4.67 -0.12
C ARG A 204 15.21 -3.29 -0.60
N SER A 205 14.21 -2.76 0.08
CA SER A 205 13.62 -1.49 -0.31
C SER A 205 13.78 -0.38 0.73
N CYS A 206 14.54 -0.67 1.80
CA CYS A 206 14.68 0.24 2.96
C CYS A 206 13.39 0.62 3.69
N HIS A 207 12.48 -0.32 3.84
CA HIS A 207 11.29 -0.09 4.63
C HIS A 207 11.59 -0.77 5.95
N PRO A 208 11.32 -0.11 7.10
CA PRO A 208 11.42 -0.84 8.37
C PRO A 208 10.53 -2.11 8.35
N MET A 209 10.94 -3.19 9.02
CA MET A 209 10.14 -4.42 9.06
C MET A 209 10.01 -4.92 10.52
N GLN A 210 8.79 -5.00 11.04
CA GLN A 210 8.59 -5.41 12.43
C GLN A 210 8.80 -6.90 12.63
N PRO A 211 9.73 -7.23 13.55
CA PRO A 211 9.87 -8.56 14.14
C PRO A 211 8.54 -9.05 14.79
N PRO A 212 8.40 -10.37 15.05
CA PRO A 212 7.21 -10.86 15.74
C PRO A 212 6.90 -10.06 16.97
N GLY A 213 5.63 -9.97 17.33
CA GLY A 213 5.32 -9.44 18.66
C GLY A 213 5.84 -10.25 19.84
N HIS A 214 5.71 -9.67 21.03
CA HIS A 214 6.19 -10.26 22.31
C HIS A 214 5.11 -10.99 23.09
N LYS A 215 4.10 -11.51 22.39
CA LYS A 215 3.03 -12.24 23.08
C LYS A 215 3.16 -13.74 22.84
N ARG B 1 -3.13 -1.77 21.43
CA ARG B 1 -1.77 -2.09 22.00
C ARG B 1 -0.64 -2.09 20.95
N MLZ B 2 -0.83 -1.32 19.89
CA MLZ B 2 0.24 -1.07 18.93
CB MLZ B 2 0.04 -1.67 17.55
CG MLZ B 2 1.24 -2.52 17.22
CD MLZ B 2 1.24 -3.02 15.79
CE MLZ B 2 0.95 -4.50 15.73
NZ MLZ B 2 1.34 -5.12 14.49
CM MLZ B 2 0.71 -6.36 14.09
C MLZ B 2 0.66 0.37 18.83
O MLZ B 2 -0.15 1.31 18.70
N SER B 3 1.98 0.51 18.95
CA SER B 3 2.70 1.75 18.77
C SER B 3 3.89 1.55 17.85
#